data_4J37
#
_entry.id   4J37
#
_cell.length_a   51.950
_cell.length_b   51.950
_cell.length_c   445.490
_cell.angle_alpha   90.00
_cell.angle_beta   90.00
_cell.angle_gamma   120.00
#
_symmetry.space_group_name_H-M   'P 65 2 2'
#
loop_
_entity.id
_entity.type
_entity.pdbx_description
1 polymer 'tRNA pseudouridine synthase A, mitochondrial'
2 non-polymer 'SULFATE ION'
3 non-polymer 'CHLORIDE ION'
4 non-polymer 1,2-ETHANEDIOL
5 water water
#
_entity_poly.entity_id   1
_entity_poly.type   'polypeptide(L)'
_entity_poly.pdbx_seq_one_letter_code
;GPGSEFEKPPKRKIVLLMAYSGKGYHGMQRNVGSSQFKTIEDDLVSALVRSGCIPENHGEDMRKMSFQRCARTDKGVSAA
GQVVSLKVWLIDDILEKINSHLPSHIRILGLKRVTGGFNSKNRCDARTYCYLLPTFAFAHKDRDVQDETYRLSAETLQQV
NRLLACYKGTHNFHNFTSQKGPQDPSACRYILEMYCEEPFVREGLEFAVIRVKGQSFMMHQIRKMVGLVVAIVKGYAPES
VLERSWGTEKVDVPKAPGLGLVLERVHFEKYNQRFGNDGLHEPLDWAQEEGKVAAFKEEHIYPTIIGTERDERSMAQWLS
TLPIHNFSATALTAGG
;
_entity_poly.pdbx_strand_id   A
#
loop_
_chem_comp.id
_chem_comp.type
_chem_comp.name
_chem_comp.formula
CL non-polymer 'CHLORIDE ION' 'Cl -1'
EDO non-polymer 1,2-ETHANEDIOL 'C2 H6 O2'
SO4 non-polymer 'SULFATE ION' 'O4 S -2'
#
# COMPACT_ATOMS: atom_id res chain seq x y z
N PRO A 9 3.68 35.59 -5.26
CA PRO A 9 2.33 35.12 -5.57
C PRO A 9 1.53 34.95 -4.28
N PRO A 10 0.21 34.70 -4.38
CA PRO A 10 -0.60 34.58 -3.16
C PRO A 10 -0.39 33.25 -2.45
N LYS A 11 -0.27 33.29 -1.12
CA LYS A 11 -0.14 32.07 -0.32
C LYS A 11 -1.51 31.43 -0.08
N ARG A 12 -1.60 30.12 -0.32
CA ARG A 12 -2.85 29.38 -0.26
C ARG A 12 -2.58 27.99 0.27
N LYS A 13 -3.60 27.43 0.92
CA LYS A 13 -3.61 26.01 1.22
C LYS A 13 -4.00 25.22 -0.04
N ILE A 14 -3.26 24.15 -0.34
CA ILE A 14 -3.63 23.28 -1.45
C ILE A 14 -3.64 21.84 -0.96
N VAL A 15 -4.29 20.98 -1.72
CA VAL A 15 -4.27 19.53 -1.47
C VAL A 15 -3.77 18.88 -2.76
N LEU A 16 -2.82 17.95 -2.63
CA LEU A 16 -2.27 17.27 -3.80
C LEU A 16 -2.67 15.81 -3.78
N LEU A 17 -3.01 15.29 -4.96
CA LEU A 17 -3.19 13.84 -5.17
C LEU A 17 -1.91 13.36 -5.83
N MET A 18 -1.19 12.47 -5.15
CA MET A 18 0.10 12.08 -5.67
C MET A 18 0.27 10.57 -5.69
N ALA A 19 1.16 10.12 -6.55
CA ALA A 19 1.41 8.71 -6.73
C ALA A 19 2.90 8.46 -6.81
N TYR A 20 3.30 7.26 -6.42
CA TYR A 20 4.72 6.90 -6.37
C TYR A 20 4.89 5.40 -6.35
N SER A 21 5.94 4.95 -7.03
CA SER A 21 6.51 3.64 -6.81
C SER A 21 7.43 3.71 -5.60
N GLY A 22 7.27 2.77 -4.65
CA GLY A 22 7.88 2.91 -3.35
C GLY A 22 9.27 2.30 -3.22
N LYS A 23 9.68 1.49 -4.20
CA LYS A 23 11.01 0.89 -4.17
C LYS A 23 12.06 2.00 -4.12
N GLY A 24 13.06 1.87 -3.27
CA GLY A 24 14.16 2.80 -3.23
C GLY A 24 13.96 3.94 -2.25
N TYR A 25 12.85 3.87 -1.51
CA TYR A 25 12.58 4.81 -0.43
C TYR A 25 12.29 4.13 0.89
N HIS A 26 12.47 4.91 1.94
CA HIS A 26 12.14 4.48 3.31
C HIS A 26 10.76 4.97 3.72
N GLY A 27 9.83 4.98 2.79
CA GLY A 27 8.49 5.32 3.12
C GLY A 27 8.12 6.75 2.74
N MET A 28 6.91 7.12 3.09
CA MET A 28 6.41 8.47 2.84
C MET A 28 7.08 9.54 3.68
N GLN A 29 7.10 9.35 5.00
CA GLN A 29 7.55 10.38 5.93
C GLN A 29 8.78 9.94 6.70
N ARG A 30 9.70 10.85 6.95
CA ARG A 30 10.92 10.49 7.67
C ARG A 30 10.55 10.19 9.10
N ASN A 31 11.17 9.16 9.66
CA ASN A 31 10.83 8.72 11.01
C ASN A 31 11.65 9.42 12.08
N GLN A 36 18.99 5.83 6.58
CA GLN A 36 18.85 5.02 5.38
C GLN A 36 18.29 5.81 4.18
N PHE A 37 17.42 5.20 3.37
CA PHE A 37 17.02 5.83 2.10
C PHE A 37 16.22 7.10 2.33
N LYS A 38 16.22 7.97 1.33
CA LYS A 38 15.35 9.13 1.36
C LYS A 38 13.90 8.66 1.42
N THR A 39 12.99 9.59 1.66
CA THR A 39 11.56 9.28 1.70
C THR A 39 10.89 9.93 0.50
N ILE A 40 9.63 9.56 0.24
CA ILE A 40 8.86 10.23 -0.78
C ILE A 40 8.81 11.77 -0.50
N GLU A 41 8.61 12.12 0.76
CA GLU A 41 8.48 13.54 1.11
C GLU A 41 9.76 14.34 0.84
N ASP A 42 10.90 13.71 0.96
CA ASP A 42 12.18 14.37 0.59
C ASP A 42 12.15 14.81 -0.86
N ASP A 43 11.63 13.96 -1.74
CA ASP A 43 11.58 14.28 -3.16
C ASP A 43 10.58 15.39 -3.39
N LEU A 44 9.44 15.31 -2.70
CA LEU A 44 8.40 16.33 -2.89
C LEU A 44 8.87 17.69 -2.36
N VAL A 45 9.44 17.69 -1.16
CA VAL A 45 9.99 18.92 -0.55
C VAL A 45 11.08 19.59 -1.44
N SER A 46 12.03 18.80 -1.93
CA SER A 46 13.03 19.30 -2.86
CA SER A 46 13.03 19.32 -2.85
C SER A 46 12.36 19.92 -4.09
N ALA A 47 11.35 19.27 -4.63
CA ALA A 47 10.64 19.80 -5.81
C ALA A 47 9.90 21.09 -5.48
N LEU A 48 9.31 21.16 -4.30
CA LEU A 48 8.64 22.36 -3.85
C LEU A 48 9.59 23.55 -3.69
N VAL A 49 10.73 23.31 -3.06
CA VAL A 49 11.76 24.31 -2.93
C VAL A 49 12.34 24.72 -4.30
N ARG A 50 12.70 23.74 -5.15
CA ARG A 50 13.33 24.08 -6.41
C ARG A 50 12.41 24.95 -7.23
N SER A 51 11.11 24.66 -7.19
CA SER A 51 10.15 25.38 -7.99
C SER A 51 9.70 26.71 -7.36
N GLY A 52 10.10 26.94 -6.13
CA GLY A 52 9.75 28.19 -5.46
C GLY A 52 8.36 28.23 -4.82
N CYS A 53 7.64 27.11 -4.79
CA CYS A 53 6.33 27.04 -4.11
C CYS A 53 6.42 27.39 -2.64
N ILE A 54 7.54 27.02 -2.05
CA ILE A 54 7.74 27.21 -0.64
C ILE A 54 9.13 27.76 -0.47
N PRO A 55 9.33 28.59 0.56
CA PRO A 55 10.69 29.05 0.83
C PRO A 55 11.50 27.94 1.41
N GLU A 56 12.82 28.06 1.33
CA GLU A 56 13.72 27.06 1.84
C GLU A 56 13.47 26.66 3.28
N ASN A 57 13.15 27.62 4.15
CA ASN A 57 13.04 27.27 5.56
C ASN A 57 11.78 26.44 5.86
N HIS A 58 10.78 26.52 4.99
CA HIS A 58 9.60 25.63 5.07
C HIS A 58 9.91 24.20 4.60
N GLY A 59 10.95 24.05 3.79
CA GLY A 59 11.44 22.74 3.43
C GLY A 59 12.24 22.16 4.57
N GLU A 60 12.99 23.03 5.25
CA GLU A 60 13.81 22.60 6.38
C GLU A 60 12.95 22.23 7.57
N ASP A 61 11.88 22.97 7.78
CA ASP A 61 10.90 22.63 8.82
C ASP A 61 9.52 22.61 8.20
N MET A 62 9.07 21.41 7.82
CA MET A 62 7.85 21.25 7.04
C MET A 62 6.63 21.63 7.84
N ARG A 63 6.78 21.69 9.16
CA ARG A 63 5.66 22.10 10.00
C ARG A 63 5.28 23.53 9.68
N LYS A 64 6.25 24.31 9.20
CA LYS A 64 6.04 25.72 8.93
C LYS A 64 5.16 25.98 7.73
N MET A 65 4.99 24.99 6.85
CA MET A 65 4.00 25.12 5.78
C MET A 65 2.72 24.29 6.03
N SER A 66 2.50 23.88 7.27
CA SER A 66 1.34 23.09 7.65
C SER A 66 1.25 21.83 6.78
N PHE A 67 2.38 21.20 6.52
CA PHE A 67 2.37 19.97 5.72
C PHE A 67 1.69 18.83 6.46
N GLN A 68 0.78 18.16 5.79
CA GLN A 68 0.08 17.00 6.35
C GLN A 68 0.04 15.90 5.30
N ARG A 69 0.16 14.64 5.73
CA ARG A 69 -0.04 13.52 4.81
C ARG A 69 -1.14 12.61 5.34
N CYS A 70 -1.90 12.02 4.42
CA CYS A 70 -3.01 11.15 4.77
C CYS A 70 -2.56 9.80 5.29
N ALA A 71 -1.50 9.25 4.71
CA ALA A 71 -1.07 7.89 4.97
C ALA A 71 0.46 7.81 5.11
N ARG A 72 0.93 7.27 6.22
CA ARG A 72 2.36 7.11 6.43
C ARG A 72 2.82 5.75 5.87
N THR A 73 2.95 5.68 4.55
CA THR A 73 3.22 4.42 3.89
C THR A 73 4.61 3.91 4.29
N ASP A 74 4.71 2.61 4.46
CA ASP A 74 5.94 2.02 5.01
CA ASP A 74 5.94 2.01 5.01
C ASP A 74 7.02 1.83 3.95
N LYS A 75 8.21 1.47 4.40
CA LYS A 75 9.30 1.21 3.49
C LYS A 75 8.90 0.30 2.33
N GLY A 76 9.11 0.79 1.10
CA GLY A 76 8.88 -0.01 -0.10
C GLY A 76 7.46 -0.01 -0.66
N VAL A 77 6.52 0.48 0.12
CA VAL A 77 5.07 0.48 -0.23
C VAL A 77 4.77 1.59 -1.28
N SER A 78 3.97 1.28 -2.28
CA SER A 78 3.64 2.23 -3.37
C SER A 78 2.31 2.91 -3.07
N ALA A 79 1.98 3.91 -3.89
CA ALA A 79 0.69 4.56 -3.73
C ALA A 79 0.24 5.11 -5.06
N ALA A 80 -1.00 4.79 -5.44
CA ALA A 80 -1.67 5.33 -6.61
C ALA A 80 -2.42 6.62 -6.25
N GLY A 81 -2.75 6.80 -4.97
CA GLY A 81 -3.66 7.88 -4.55
C GLY A 81 -3.39 8.43 -3.16
N GLN A 82 -2.12 8.71 -2.88
CA GLN A 82 -1.75 9.42 -1.67
C GLN A 82 -2.28 10.84 -1.79
N VAL A 83 -2.57 11.43 -0.63
CA VAL A 83 -3.04 12.82 -0.53
C VAL A 83 -2.27 13.57 0.55
N VAL A 84 -1.80 14.77 0.19
CA VAL A 84 -1.14 15.64 1.15
C VAL A 84 -1.77 17.04 1.06
N SER A 85 -1.57 17.83 2.11
CA SER A 85 -1.98 19.24 2.06
C SER A 85 -0.88 20.07 2.67
N LEU A 86 -0.81 21.33 2.26
CA LEU A 86 0.25 22.24 2.68
C LEU A 86 -0.11 23.62 2.17
N LYS A 87 0.61 24.62 2.65
CA LYS A 87 0.46 25.99 2.18
C LYS A 87 1.64 26.39 1.30
N VAL A 88 1.34 26.97 0.14
CA VAL A 88 2.36 27.36 -0.82
C VAL A 88 2.10 28.75 -1.35
N TRP A 89 3.13 29.31 -1.98
CA TRP A 89 2.90 30.33 -2.99
C TRP A 89 2.30 29.67 -4.22
N LEU A 90 1.13 30.14 -4.65
CA LEU A 90 0.43 29.50 -5.73
C LEU A 90 0.94 30.01 -7.09
N ILE A 91 2.11 29.54 -7.47
CA ILE A 91 2.78 30.02 -8.69
C ILE A 91 2.02 29.59 -9.94
N ASP A 92 2.29 30.26 -11.06
CA ASP A 92 1.70 29.86 -12.33
C ASP A 92 2.18 28.45 -12.71
N ASP A 93 1.31 27.67 -13.32
CA ASP A 93 1.68 26.34 -13.80
C ASP A 93 2.28 25.48 -12.67
N ILE A 94 1.76 25.64 -11.46
CA ILE A 94 2.33 25.00 -10.28
C ILE A 94 2.48 23.49 -10.44
N LEU A 95 1.46 22.86 -11.00
CA LEU A 95 1.47 21.41 -11.09
C LEU A 95 2.61 20.92 -11.99
N GLU A 96 2.69 21.49 -13.19
CA GLU A 96 3.75 21.18 -14.14
C GLU A 96 5.13 21.43 -13.53
N LYS A 97 5.28 22.55 -12.83
CA LYS A 97 6.56 22.92 -12.24
C LYS A 97 7.00 21.95 -11.14
N ILE A 98 6.09 21.55 -10.27
CA ILE A 98 6.47 20.56 -9.26
C ILE A 98 6.94 19.26 -9.94
N ASN A 99 6.12 18.75 -10.85
CA ASN A 99 6.42 17.50 -11.54
C ASN A 99 7.74 17.57 -12.30
N SER A 100 8.10 18.75 -12.77
CA SER A 100 9.34 18.89 -13.55
C SER A 100 10.57 18.62 -12.70
N HIS A 101 10.41 18.69 -11.37
CA HIS A 101 11.52 18.45 -10.43
C HIS A 101 11.46 17.10 -9.72
N LEU A 102 10.52 16.27 -10.13
CA LEU A 102 10.36 14.92 -9.59
C LEU A 102 10.87 13.86 -10.59
N PRO A 103 11.38 12.73 -10.08
CA PRO A 103 11.63 11.59 -10.98
C PRO A 103 10.33 11.09 -11.58
N SER A 104 10.45 10.30 -12.64
CA SER A 104 9.26 9.84 -13.34
C SER A 104 8.38 8.98 -12.46
N HIS A 105 8.96 8.37 -11.43
CA HIS A 105 8.19 7.41 -10.62
C HIS A 105 7.53 8.04 -9.39
N ILE A 106 7.50 9.38 -9.35
CA ILE A 106 6.66 10.11 -8.40
C ILE A 106 5.98 11.19 -9.23
N ARG A 107 4.64 11.26 -9.15
CA ARG A 107 3.88 12.23 -9.94
C ARG A 107 2.79 12.88 -9.09
N ILE A 108 2.66 14.19 -9.24
CA ILE A 108 1.49 14.88 -8.76
C ILE A 108 0.42 14.73 -9.86
N LEU A 109 -0.67 14.07 -9.51
CA LEU A 109 -1.75 13.80 -10.46
C LEU A 109 -2.93 14.76 -10.37
N GLY A 110 -3.11 15.40 -9.23
CA GLY A 110 -4.16 16.40 -9.06
C GLY A 110 -3.72 17.42 -8.05
N LEU A 111 -4.26 18.64 -8.13
CA LEU A 111 -3.86 19.72 -7.23
C LEU A 111 -5.03 20.69 -7.14
N LYS A 112 -5.53 20.92 -5.92
CA LYS A 112 -6.67 21.82 -5.68
C LYS A 112 -6.39 22.77 -4.55
N ARG A 113 -6.88 24.01 -4.70
CA ARG A 113 -6.79 24.97 -3.62
C ARG A 113 -8.03 24.80 -2.76
N VAL A 114 -7.83 24.89 -1.45
CA VAL A 114 -8.88 24.67 -0.49
C VAL A 114 -8.81 25.80 0.54
N THR A 115 -9.81 25.85 1.42
CA THR A 115 -9.88 26.88 2.44
C THR A 115 -8.85 26.62 3.51
N GLY A 116 -8.31 27.68 4.10
CA GLY A 116 -7.33 27.53 5.16
C GLY A 116 -7.85 26.61 6.27
N GLY A 117 -9.15 26.43 6.34
CA GLY A 117 -9.76 25.61 7.38
C GLY A 117 -9.96 24.17 6.95
N PHE A 118 -9.39 23.81 5.80
CA PHE A 118 -9.35 22.42 5.37
C PHE A 118 -8.36 21.67 6.26
N ASN A 119 -8.90 20.86 7.17
CA ASN A 119 -8.11 20.25 8.25
C ASN A 119 -7.05 19.28 7.72
N ARG A 123 -8.76 12.74 8.19
CA ARG A 123 -9.96 12.37 7.46
C ARG A 123 -9.64 11.20 6.54
N CYS A 124 -8.49 10.55 6.79
CA CYS A 124 -7.95 9.63 5.80
C CYS A 124 -7.96 8.14 6.25
N ASP A 125 -8.74 7.82 7.27
CA ASP A 125 -8.72 6.46 7.85
C ASP A 125 -9.37 5.42 6.95
N ALA A 126 -10.31 5.82 6.10
CA ALA A 126 -11.03 4.86 5.24
C ALA A 126 -10.25 4.69 3.94
N ARG A 127 -9.86 3.47 3.64
CA ARG A 127 -8.88 3.28 2.57
C ARG A 127 -9.09 2.03 1.75
N THR A 128 -8.60 2.11 0.52
CA THR A 128 -8.47 0.95 -0.37
C THR A 128 -6.99 0.75 -0.69
N TYR A 129 -6.53 -0.49 -0.59
CA TYR A 129 -5.20 -0.88 -1.00
C TYR A 129 -5.36 -2.06 -1.93
N CYS A 130 -4.37 -2.24 -2.81
CA CYS A 130 -4.20 -3.48 -3.51
C CYS A 130 -2.83 -4.09 -3.20
N TYR A 131 -2.69 -5.37 -3.49
CA TYR A 131 -1.50 -6.15 -3.22
C TYR A 131 -1.27 -7.02 -4.43
N LEU A 132 -0.20 -6.73 -5.18
CA LEU A 132 0.10 -7.41 -6.43
C LEU A 132 1.15 -8.46 -6.14
N LEU A 133 0.82 -9.74 -6.40
CA LEU A 133 1.77 -10.80 -6.02
C LEU A 133 1.82 -11.93 -7.05
N PRO A 134 2.96 -12.61 -7.10
CA PRO A 134 3.13 -13.76 -8.01
C PRO A 134 2.18 -14.87 -7.57
N THR A 135 1.51 -15.54 -8.51
CA THR A 135 0.46 -16.48 -8.09
C THR A 135 1.00 -17.72 -7.38
N PHE A 136 2.29 -17.99 -7.48
CA PHE A 136 2.83 -19.16 -6.77
C PHE A 136 2.84 -18.98 -5.25
N ALA A 137 2.51 -17.76 -4.82
CA ALA A 137 2.16 -17.51 -3.43
C ALA A 137 0.99 -18.40 -2.98
N PHE A 138 0.24 -18.93 -3.96
CA PHE A 138 -0.96 -19.73 -3.71
C PHE A 138 -0.76 -21.20 -4.08
N ALA A 139 0.45 -21.56 -4.50
CA ALA A 139 0.68 -22.95 -4.94
C ALA A 139 0.81 -23.90 -3.75
N HIS A 140 0.04 -24.98 -3.77
CA HIS A 140 0.08 -25.92 -2.65
C HIS A 140 1.49 -26.52 -2.57
N LYS A 141 2.08 -26.43 -1.39
CA LYS A 141 3.46 -26.83 -1.19
C LYS A 141 3.75 -28.24 -1.68
N ASP A 142 2.85 -29.18 -1.35
CA ASP A 142 2.96 -30.57 -1.76
C ASP A 142 2.46 -30.87 -3.18
N ARG A 143 1.24 -30.41 -3.52
CA ARG A 143 0.56 -30.83 -4.75
C ARG A 143 0.85 -30.03 -6.02
N ASP A 144 1.41 -28.84 -5.90
CA ASP A 144 1.62 -27.96 -7.07
C ASP A 144 3.08 -27.68 -7.31
N VAL A 145 3.42 -27.34 -8.55
CA VAL A 145 4.76 -26.86 -8.83
C VAL A 145 4.90 -25.49 -8.17
N GLN A 146 6.09 -25.21 -7.65
CA GLN A 146 6.36 -24.02 -6.86
C GLN A 146 7.09 -22.93 -7.64
N ASP A 147 7.54 -23.25 -8.85
CA ASP A 147 8.28 -22.30 -9.66
C ASP A 147 7.32 -21.40 -10.42
N GLU A 148 7.81 -20.60 -11.34
CA GLU A 148 6.97 -19.61 -12.00
C GLU A 148 6.12 -20.18 -13.12
N THR A 149 6.22 -21.49 -13.42
CA THR A 149 5.27 -22.10 -14.35
C THR A 149 3.95 -22.44 -13.67
N TYR A 150 3.91 -22.34 -12.34
CA TYR A 150 2.65 -22.52 -11.65
C TYR A 150 1.57 -21.66 -12.31
N ARG A 151 0.40 -22.24 -12.54
CA ARG A 151 -0.74 -21.48 -12.97
C ARG A 151 -1.87 -21.65 -11.98
N LEU A 152 -2.51 -20.54 -11.61
CA LEU A 152 -3.55 -20.56 -10.60
C LEU A 152 -4.84 -21.17 -11.16
N SER A 153 -5.32 -22.22 -10.51
CA SER A 153 -6.57 -22.87 -10.89
C SER A 153 -7.79 -22.06 -10.48
N ALA A 154 -8.93 -22.31 -11.14
CA ALA A 154 -10.19 -21.68 -10.75
C ALA A 154 -10.50 -22.02 -9.29
N GLU A 155 -10.15 -23.24 -8.90
CA GLU A 155 -10.47 -23.76 -7.57
C GLU A 155 -9.60 -23.14 -6.46
N THR A 156 -8.31 -23.01 -6.73
CA THR A 156 -7.43 -22.35 -5.77
C THR A 156 -7.85 -20.89 -5.56
N LEU A 157 -8.25 -20.22 -6.64
CA LEU A 157 -8.71 -18.83 -6.60
C LEU A 157 -10.03 -18.72 -5.84
N GLN A 158 -10.92 -19.68 -6.03
CA GLN A 158 -12.10 -19.78 -5.20
C GLN A 158 -11.75 -19.81 -3.74
N GLN A 159 -10.85 -20.71 -3.37
CA GLN A 159 -10.42 -20.87 -2.00
C GLN A 159 -9.85 -19.56 -1.41
N VAL A 160 -8.96 -18.93 -2.19
CA VAL A 160 -8.39 -17.63 -1.79
C VAL A 160 -9.50 -16.63 -1.51
N ASN A 161 -10.43 -16.52 -2.46
CA ASN A 161 -11.52 -15.59 -2.31
C ASN A 161 -12.44 -15.92 -1.14
N ARG A 162 -12.63 -17.20 -0.83
CA ARG A 162 -13.47 -17.57 0.30
CA ARG A 162 -13.47 -17.60 0.29
C ARG A 162 -12.80 -17.19 1.61
N LEU A 163 -11.49 -17.37 1.71
CA LEU A 163 -10.79 -17.04 2.93
C LEU A 163 -10.70 -15.53 3.11
N LEU A 164 -10.31 -14.81 2.05
CA LEU A 164 -10.29 -13.36 2.08
C LEU A 164 -11.66 -12.80 2.52
N ALA A 165 -12.74 -13.41 2.00
CA ALA A 165 -14.11 -13.00 2.36
C ALA A 165 -14.38 -13.10 3.86
N CYS A 166 -13.72 -14.05 4.51
CA CYS A 166 -13.85 -14.20 5.95
C CYS A 166 -13.41 -12.96 6.70
N TYR A 167 -12.51 -12.18 6.14
CA TYR A 167 -12.09 -10.97 6.82
C TYR A 167 -13.15 -9.89 6.85
N LYS A 168 -14.10 -9.95 5.94
CA LYS A 168 -15.11 -8.91 5.82
C LYS A 168 -15.93 -8.83 7.11
N GLY A 169 -16.24 -7.61 7.49
CA GLY A 169 -17.02 -7.34 8.67
C GLY A 169 -16.15 -6.72 9.75
N THR A 170 -16.53 -6.95 11.00
CA THR A 170 -15.80 -6.39 12.13
C THR A 170 -15.27 -7.52 13.02
N HIS A 171 -13.96 -7.52 13.27
CA HIS A 171 -13.30 -8.61 14.00
C HIS A 171 -12.17 -8.07 14.89
N ASN A 172 -11.74 -8.89 15.85
CA ASN A 172 -10.60 -8.52 16.68
C ASN A 172 -9.31 -8.91 15.94
N PHE A 173 -8.61 -7.90 15.42
CA PHE A 173 -7.44 -8.09 14.57
C PHE A 173 -6.13 -7.96 15.34
N HIS A 174 -6.15 -8.29 16.64
CA HIS A 174 -4.98 -8.06 17.48
C HIS A 174 -3.78 -8.91 17.03
N ASN A 175 -4.04 -10.03 16.38
CA ASN A 175 -2.96 -10.87 15.85
C ASN A 175 -2.39 -10.37 14.51
N PHE A 176 -2.99 -9.31 13.96
CA PHE A 176 -2.62 -8.83 12.64
C PHE A 176 -1.98 -7.47 12.74
N THR A 177 -1.17 -7.24 13.75
CA THR A 177 -0.39 -6.04 13.84
C THR A 177 0.91 -6.44 14.51
N SER A 178 1.75 -5.48 14.85
CA SER A 178 2.97 -5.79 15.58
C SER A 178 3.18 -4.76 16.69
N GLN A 179 4.27 -4.89 17.43
CA GLN A 179 4.66 -3.87 18.41
C GLN A 179 5.76 -4.39 19.34
N LYS A 180 6.51 -3.46 19.92
CA LYS A 180 7.55 -3.80 20.89
C LYS A 180 6.92 -4.37 22.15
N GLY A 181 6.00 -3.60 22.75
CA GLY A 181 5.32 -4.02 23.97
C GLY A 181 4.53 -5.30 23.77
N PRO A 182 3.93 -5.81 24.87
CA PRO A 182 3.05 -6.99 24.77
C PRO A 182 1.88 -6.72 23.82
N GLN A 183 1.21 -7.78 23.37
CA GLN A 183 0.12 -7.65 22.40
C GLN A 183 -1.15 -7.04 23.02
N ASP A 184 -1.71 -6.04 22.35
CA ASP A 184 -2.95 -5.39 22.81
C ASP A 184 -4.12 -6.33 22.51
N PRO A 185 -4.70 -6.94 23.56
CA PRO A 185 -5.70 -8.01 23.43
C PRO A 185 -6.97 -7.62 22.66
N SER A 186 -7.23 -6.33 22.48
CA SER A 186 -8.39 -5.84 21.73
C SER A 186 -7.99 -4.82 20.64
N ALA A 187 -8.26 -5.17 19.39
CA ALA A 187 -8.00 -4.28 18.26
C ALA A 187 -9.07 -4.56 17.20
N CYS A 188 -10.30 -4.20 17.54
CA CYS A 188 -11.42 -4.40 16.63
C CYS A 188 -11.26 -3.48 15.44
N ARG A 189 -11.46 -4.00 14.23
CA ARG A 189 -11.38 -3.19 13.02
C ARG A 189 -12.40 -3.70 12.02
N TYR A 190 -12.72 -2.85 11.07
CA TYR A 190 -13.78 -3.09 10.12
C TYR A 190 -13.17 -3.24 8.73
N ILE A 191 -13.61 -4.29 8.01
CA ILE A 191 -13.23 -4.52 6.62
C ILE A 191 -14.49 -4.54 5.77
N LEU A 192 -14.56 -3.70 4.74
CA LEU A 192 -15.72 -3.63 3.82
C LEU A 192 -15.65 -4.70 2.79
N GLU A 193 -14.46 -4.94 2.23
CA GLU A 193 -14.35 -5.85 1.11
C GLU A 193 -12.93 -6.41 1.04
N MET A 194 -12.76 -7.65 0.60
CA MET A 194 -11.44 -8.14 0.28
C MET A 194 -11.59 -9.30 -0.68
N TYR A 195 -10.85 -9.24 -1.78
CA TYR A 195 -10.91 -10.28 -2.79
C TYR A 195 -9.66 -10.26 -3.65
N CYS A 196 -9.54 -11.29 -4.48
CA CYS A 196 -8.45 -11.42 -5.43
C CYS A 196 -9.00 -11.51 -6.85
N GLU A 197 -8.46 -10.67 -7.72
CA GLU A 197 -8.81 -10.63 -9.13
C GLU A 197 -8.28 -11.85 -9.86
N GLU A 198 -8.82 -12.08 -11.06
CA GLU A 198 -8.30 -13.13 -11.93
C GLU A 198 -6.86 -12.81 -12.34
N PRO A 199 -6.00 -13.83 -12.49
CA PRO A 199 -4.56 -13.63 -12.78
C PRO A 199 -4.28 -13.18 -14.19
N PHE A 200 -3.09 -12.62 -14.38
CA PHE A 200 -2.59 -12.22 -15.68
C PHE A 200 -1.10 -12.58 -15.77
N VAL A 201 -0.60 -12.63 -17.01
CA VAL A 201 0.74 -13.15 -17.24
C VAL A 201 1.54 -12.14 -18.02
N ARG A 202 2.79 -11.94 -17.58
CA ARG A 202 3.75 -11.09 -18.27
C ARG A 202 5.01 -11.88 -18.43
N GLU A 203 5.35 -12.22 -19.68
CA GLU A 203 6.53 -13.03 -19.97
C GLU A 203 6.66 -14.28 -19.11
N GLY A 204 5.61 -15.10 -19.05
CA GLY A 204 5.68 -16.37 -18.35
C GLY A 204 5.38 -16.28 -16.86
N LEU A 205 5.40 -15.05 -16.31
CA LEU A 205 5.17 -14.82 -14.89
C LEU A 205 3.73 -14.42 -14.66
N GLU A 206 3.04 -15.20 -13.84
CA GLU A 206 1.64 -14.97 -13.54
C GLU A 206 1.51 -14.24 -12.21
N PHE A 207 0.68 -13.19 -12.23
CA PHE A 207 0.41 -12.35 -11.06
C PHE A 207 -1.10 -12.21 -10.84
N ALA A 208 -1.48 -11.79 -9.63
CA ALA A 208 -2.85 -11.38 -9.43
C ALA A 208 -2.89 -10.25 -8.42
N VAL A 209 -3.98 -9.53 -8.46
CA VAL A 209 -4.19 -8.36 -7.60
C VAL A 209 -5.27 -8.64 -6.55
N ILE A 210 -4.86 -8.55 -5.28
CA ILE A 210 -5.80 -8.58 -4.15
C ILE A 210 -6.21 -7.13 -3.85
N ARG A 211 -7.48 -6.90 -3.52
CA ARG A 211 -7.91 -5.56 -3.14
C ARG A 211 -8.58 -5.67 -1.79
N VAL A 212 -8.32 -4.69 -0.92
CA VAL A 212 -8.96 -4.65 0.38
C VAL A 212 -9.41 -3.22 0.63
N LYS A 213 -10.61 -3.11 1.20
CA LYS A 213 -11.17 -1.81 1.58
C LYS A 213 -11.57 -1.96 3.01
N GLY A 214 -11.17 -0.98 3.79
CA GLY A 214 -11.43 -1.02 5.20
C GLY A 214 -11.15 0.32 5.83
N GLN A 215 -11.09 0.30 7.16
CA GLN A 215 -10.91 1.50 7.96
C GLN A 215 -9.89 1.36 9.02
N SER A 216 -9.13 2.44 9.23
CA SER A 216 -8.20 2.49 10.34
C SER A 216 -7.28 1.26 10.40
N PHE A 217 -6.70 0.90 9.27
CA PHE A 217 -5.77 -0.22 9.23
C PHE A 217 -4.62 0.05 10.19
N MET A 218 -4.18 -1.01 10.86
CA MET A 218 -3.08 -0.93 11.80
C MET A 218 -1.79 -1.26 11.05
N MET A 219 -0.66 -0.93 11.67
CA MET A 219 0.65 -1.26 11.13
C MET A 219 0.71 -2.77 10.90
N HIS A 220 1.12 -3.16 9.69
CA HIS A 220 1.32 -4.54 9.22
C HIS A 220 0.03 -5.35 9.02
N GLN A 221 -1.13 -4.73 9.25
CA GLN A 221 -2.38 -5.49 9.22
C GLN A 221 -2.68 -6.10 7.86
N ILE A 222 -2.57 -5.34 6.80
CA ILE A 222 -2.87 -5.91 5.47
C ILE A 222 -1.85 -6.97 5.12
N ARG A 223 -0.58 -6.67 5.33
CA ARG A 223 0.47 -7.65 5.07
C ARG A 223 0.25 -8.98 5.83
N LYS A 224 -0.14 -8.91 7.11
CA LYS A 224 -0.47 -10.10 7.87
C LYS A 224 -1.77 -10.78 7.37
N MET A 225 -2.75 -9.99 6.96
CA MET A 225 -4.00 -10.58 6.46
C MET A 225 -3.70 -11.42 5.22
N VAL A 226 -2.93 -10.86 4.29
CA VAL A 226 -2.45 -11.58 3.10
C VAL A 226 -1.55 -12.78 3.51
N GLY A 227 -0.65 -12.54 4.48
CA GLY A 227 0.29 -13.59 4.89
C GLY A 227 -0.42 -14.82 5.44
N LEU A 228 -1.49 -14.62 6.20
CA LEU A 228 -2.15 -15.78 6.81
C LEU A 228 -2.83 -16.61 5.73
N VAL A 229 -3.46 -15.93 4.77
CA VAL A 229 -4.18 -16.61 3.71
C VAL A 229 -3.20 -17.33 2.77
N VAL A 230 -2.03 -16.74 2.51
CA VAL A 230 -0.98 -17.46 1.80
C VAL A 230 -0.59 -18.77 2.54
N ALA A 231 -0.31 -18.67 3.83
CA ALA A 231 0.10 -19.82 4.64
C ALA A 231 -0.95 -20.94 4.64
N ILE A 232 -2.22 -20.58 4.78
CA ILE A 232 -3.32 -21.54 4.70
C ILE A 232 -3.41 -22.21 3.32
N VAL A 233 -3.48 -21.40 2.28
CA VAL A 233 -3.64 -21.93 0.92
C VAL A 233 -2.45 -22.77 0.46
N LYS A 234 -1.26 -22.41 0.88
CA LYS A 234 -0.08 -23.18 0.48
C LYS A 234 0.00 -24.52 1.22
N GLY A 235 -0.73 -24.64 2.33
CA GLY A 235 -0.81 -25.87 3.09
C GLY A 235 -0.01 -25.91 4.39
N TYR A 236 0.50 -24.77 4.86
CA TYR A 236 1.24 -24.72 6.12
C TYR A 236 0.33 -24.64 7.35
N ALA A 237 -0.87 -24.12 7.15
CA ALA A 237 -1.80 -23.97 8.25
C ALA A 237 -3.17 -24.40 7.81
N PRO A 238 -3.96 -24.93 8.76
CA PRO A 238 -5.32 -25.34 8.45
C PRO A 238 -6.21 -24.12 8.37
N GLU A 239 -7.28 -24.21 7.59
CA GLU A 239 -8.18 -23.08 7.39
C GLU A 239 -8.74 -22.55 8.70
N SER A 240 -8.80 -23.42 9.71
CA SER A 240 -9.32 -23.10 11.03
C SER A 240 -8.51 -22.02 11.74
N VAL A 241 -7.28 -21.77 11.28
CA VAL A 241 -6.44 -20.83 11.98
C VAL A 241 -7.01 -19.42 11.84
N LEU A 242 -7.75 -19.19 10.77
CA LEU A 242 -8.24 -17.84 10.48
C LEU A 242 -9.23 -17.45 11.58
N GLU A 243 -10.24 -18.28 11.78
CA GLU A 243 -11.18 -18.04 12.88
C GLU A 243 -10.47 -18.06 14.23
N ARG A 244 -9.57 -19.02 14.41
CA ARG A 244 -8.84 -19.10 15.68
C ARG A 244 -8.02 -17.83 15.97
N SER A 245 -7.53 -17.17 14.92
CA SER A 245 -6.71 -15.97 15.10
C SER A 245 -7.51 -14.79 15.66
N TRP A 246 -8.83 -14.80 15.46
CA TRP A 246 -9.71 -13.80 16.10
C TRP A 246 -9.74 -13.99 17.60
N GLY A 247 -9.43 -15.20 18.06
CA GLY A 247 -9.51 -15.51 19.47
C GLY A 247 -8.50 -14.76 20.32
N THR A 248 -8.57 -15.02 21.61
CA THR A 248 -7.70 -14.39 22.59
C THR A 248 -6.22 -14.76 22.44
N GLU A 249 -5.96 -16.01 22.08
CA GLU A 249 -4.60 -16.54 22.00
C GLU A 249 -3.78 -15.79 20.97
N LYS A 250 -2.48 -15.69 21.23
CA LYS A 250 -1.55 -15.15 20.26
C LYS A 250 -1.34 -16.19 19.18
N VAL A 251 -1.31 -15.72 17.94
CA VAL A 251 -0.95 -16.56 16.80
C VAL A 251 0.17 -15.83 16.05
N ASP A 252 1.14 -16.58 15.56
CA ASP A 252 2.29 -15.99 14.88
C ASP A 252 1.89 -15.88 13.41
N VAL A 253 1.38 -14.72 13.04
CA VAL A 253 0.81 -14.58 11.71
C VAL A 253 1.91 -14.10 10.74
N PRO A 254 2.05 -14.82 9.63
CA PRO A 254 3.10 -14.42 8.68
C PRO A 254 2.77 -13.08 8.03
N LYS A 255 3.83 -12.30 7.83
CA LYS A 255 3.76 -10.97 7.28
C LYS A 255 4.31 -10.97 5.87
N ALA A 256 3.43 -10.89 4.89
CA ALA A 256 3.85 -10.83 3.48
C ALA A 256 4.67 -9.55 3.27
N PRO A 257 5.53 -9.51 2.24
CA PRO A 257 6.39 -8.33 2.06
C PRO A 257 5.62 -7.05 1.71
N GLY A 258 6.24 -5.92 1.99
CA GLY A 258 5.69 -4.62 1.63
C GLY A 258 5.69 -4.32 0.15
N LEU A 259 6.58 -4.97 -0.59
CA LEU A 259 6.77 -4.64 -2.02
C LEU A 259 5.45 -4.62 -2.80
N GLY A 260 4.63 -5.63 -2.59
CA GLY A 260 3.45 -5.76 -3.42
C GLY A 260 2.34 -4.79 -3.02
N LEU A 261 2.48 -4.09 -1.91
CA LEU A 261 1.35 -3.28 -1.39
C LEU A 261 1.26 -1.91 -2.04
N VAL A 262 0.04 -1.48 -2.39
CA VAL A 262 -0.18 -0.18 -3.03
C VAL A 262 -1.36 0.52 -2.36
N LEU A 263 -1.17 1.74 -1.87
CA LEU A 263 -2.27 2.52 -1.33
C LEU A 263 -3.02 3.04 -2.56
N GLU A 264 -4.26 2.59 -2.77
CA GLU A 264 -5.04 2.97 -3.97
C GLU A 264 -5.87 4.24 -3.75
N ARG A 265 -6.55 4.33 -2.60
CA ARG A 265 -7.52 5.40 -2.38
C ARG A 265 -7.66 5.75 -0.92
N VAL A 266 -7.78 7.06 -0.64
CA VAL A 266 -8.08 7.58 0.67
C VAL A 266 -9.49 8.19 0.49
N HIS A 267 -10.40 7.85 1.41
CA HIS A 267 -11.82 8.20 1.26
C HIS A 267 -12.23 9.14 2.37
N PHE A 268 -12.35 10.45 2.09
CA PHE A 268 -12.66 11.46 3.11
C PHE A 268 -14.13 11.43 3.56
N GLU A 282 -15.20 21.01 4.48
CA GLU A 282 -14.94 21.04 3.04
C GLU A 282 -14.66 19.62 2.51
N PRO A 283 -15.54 19.11 1.62
CA PRO A 283 -15.36 17.77 1.04
C PRO A 283 -14.28 17.75 -0.06
N LEU A 284 -13.97 16.56 -0.60
CA LEU A 284 -12.89 16.42 -1.57
C LEU A 284 -12.97 15.10 -2.31
N ASP A 285 -12.99 15.19 -3.63
CA ASP A 285 -13.18 14.06 -4.51
C ASP A 285 -12.33 14.22 -5.75
N TRP A 286 -11.64 13.14 -6.13
CA TRP A 286 -10.69 13.16 -7.22
C TRP A 286 -11.16 12.43 -8.45
N ALA A 287 -12.48 12.42 -8.67
CA ALA A 287 -13.06 11.62 -9.75
C ALA A 287 -12.49 11.96 -11.11
N GLN A 288 -12.21 13.23 -11.38
CA GLN A 288 -11.75 13.59 -12.71
C GLN A 288 -10.31 13.12 -12.93
N GLU A 289 -9.64 12.74 -11.85
CA GLU A 289 -8.26 12.28 -11.94
C GLU A 289 -8.09 10.77 -12.09
N GLU A 290 -9.20 10.03 -12.19
CA GLU A 290 -9.13 8.57 -12.13
C GLU A 290 -8.35 7.97 -13.29
N GLY A 291 -8.49 8.56 -14.47
CA GLY A 291 -7.74 8.13 -15.63
C GLY A 291 -6.23 8.26 -15.44
N LYS A 292 -5.79 9.32 -14.79
CA LYS A 292 -4.36 9.48 -14.60
C LYS A 292 -3.84 8.54 -13.52
N VAL A 293 -4.65 8.36 -12.49
CA VAL A 293 -4.36 7.38 -11.44
C VAL A 293 -4.15 6.00 -12.07
N ALA A 294 -5.07 5.58 -12.95
CA ALA A 294 -4.99 4.25 -13.54
C ALA A 294 -3.73 4.10 -14.36
N ALA A 295 -3.49 5.09 -15.21
CA ALA A 295 -2.36 5.09 -16.11
C ALA A 295 -1.03 5.03 -15.33
N PHE A 296 -0.93 5.77 -14.23
CA PHE A 296 0.31 5.80 -13.48
C PHE A 296 0.54 4.45 -12.81
N LYS A 297 -0.53 3.81 -12.37
CA LYS A 297 -0.43 2.49 -11.74
C LYS A 297 0.09 1.48 -12.76
N GLU A 298 -0.54 1.46 -13.94
CA GLU A 298 -0.07 0.57 -15.00
C GLU A 298 1.33 0.84 -15.51
N GLU A 299 1.74 2.10 -15.60
CA GLU A 299 3.00 2.45 -16.21
C GLU A 299 4.18 2.48 -15.24
N HIS A 300 3.93 2.82 -13.97
CA HIS A 300 5.04 2.98 -13.03
C HIS A 300 5.00 2.01 -11.82
N ILE A 301 3.84 1.80 -11.24
CA ILE A 301 3.76 1.00 -10.05
C ILE A 301 3.89 -0.48 -10.35
N TYR A 302 2.99 -0.99 -11.17
CA TYR A 302 2.94 -2.43 -11.42
C TYR A 302 4.24 -2.98 -12.07
N PRO A 303 4.79 -2.27 -13.09
CA PRO A 303 6.02 -2.75 -13.73
C PRO A 303 7.21 -2.85 -12.79
N THR A 304 7.33 -1.93 -11.85
CA THR A 304 8.41 -2.02 -10.89
C THR A 304 8.25 -3.22 -9.96
N ILE A 305 7.02 -3.48 -9.51
CA ILE A 305 6.80 -4.64 -8.64
C ILE A 305 7.11 -5.95 -9.41
N ILE A 306 6.65 -6.02 -10.65
CA ILE A 306 6.75 -7.22 -11.49
C ILE A 306 8.23 -7.45 -11.81
N GLY A 307 8.91 -6.37 -12.19
CA GLY A 307 10.34 -6.38 -12.44
C GLY A 307 11.17 -6.85 -11.27
N THR A 308 10.82 -6.38 -10.08
CA THR A 308 11.55 -6.75 -8.89
C THR A 308 11.28 -8.22 -8.57
N GLU A 309 10.06 -8.70 -8.82
CA GLU A 309 9.73 -10.12 -8.53
C GLU A 309 10.53 -11.00 -9.50
N ARG A 310 10.51 -10.62 -10.77
CA ARG A 310 11.24 -11.34 -11.83
C ARG A 310 12.74 -11.44 -11.55
N ASP A 311 13.35 -10.32 -11.22
CA ASP A 311 14.81 -10.21 -11.14
C ASP A 311 15.38 -10.47 -9.74
N GLU A 312 14.60 -10.24 -8.70
CA GLU A 312 15.12 -10.35 -7.32
C GLU A 312 14.42 -11.43 -6.48
N ARG A 313 13.32 -11.95 -7.02
CA ARG A 313 12.58 -13.06 -6.39
C ARG A 313 12.22 -12.83 -4.93
N SER A 314 11.60 -11.67 -4.66
CA SER A 314 11.23 -11.27 -3.31
C SER A 314 10.24 -12.21 -2.70
N MET A 315 9.17 -12.50 -3.44
CA MET A 315 8.10 -13.34 -2.94
C MET A 315 8.65 -14.74 -2.70
N ALA A 316 9.32 -15.27 -3.71
CA ALA A 316 9.83 -16.65 -3.62
C ALA A 316 10.71 -16.84 -2.37
N GLN A 317 11.58 -15.87 -2.09
CA GLN A 317 12.42 -15.88 -0.88
C GLN A 317 11.60 -15.78 0.41
N TRP A 318 10.62 -14.88 0.46
CA TRP A 318 9.75 -14.81 1.63
C TRP A 318 8.98 -16.14 1.85
N LEU A 319 8.48 -16.75 0.78
CA LEU A 319 7.71 -17.98 0.94
C LEU A 319 8.54 -19.06 1.63
N SER A 320 9.85 -19.03 1.40
CA SER A 320 10.73 -20.05 1.94
C SER A 320 10.88 -19.91 3.47
N THR A 321 10.46 -18.77 4.01
CA THR A 321 10.43 -18.58 5.46
C THR A 321 9.21 -19.17 6.17
N LEU A 322 8.24 -19.72 5.45
CA LEU A 322 6.95 -20.07 6.05
C LEU A 322 7.04 -21.23 7.04
N PRO A 323 8.01 -22.14 6.83
CA PRO A 323 8.15 -23.25 7.76
C PRO A 323 8.53 -22.86 9.20
N ILE A 324 9.05 -21.65 9.43
CA ILE A 324 9.46 -21.23 10.78
C ILE A 324 8.27 -20.92 11.71
N HIS A 325 7.09 -20.81 11.13
CA HIS A 325 5.89 -20.46 11.90
C HIS A 325 5.29 -21.71 12.51
N ASN A 326 4.96 -21.63 13.78
CA ASN A 326 4.34 -22.75 14.45
C ASN A 326 2.83 -22.63 14.38
N PHE A 327 2.20 -23.45 13.55
CA PHE A 327 0.75 -23.47 13.48
C PHE A 327 0.17 -24.69 14.20
S SO4 B . -1.02 5.68 8.97
O1 SO4 B . -0.91 7.02 8.41
O2 SO4 B . 0.31 5.14 9.31
O3 SO4 B . -1.79 5.75 10.21
O4 SO4 B . -1.65 4.80 8.00
S SO4 C . -3.02 23.40 9.55
O1 SO4 C . -3.40 24.71 8.98
O2 SO4 C . -1.63 23.35 10.01
O3 SO4 C . -3.87 23.13 10.71
O4 SO4 C . -3.24 22.38 8.51
CL CL D . 1.86 1.00 4.63
C1 EDO E . 9.66 -5.59 8.51
O1 EDO E . 8.49 -5.59 9.33
C2 EDO E . 9.45 -4.72 7.28
O2 EDO E . 8.55 -3.66 7.65
H11 EDO E . 10.52 -5.22 9.08
H12 EDO E . 9.90 -6.62 8.18
HO1 EDO E . 8.64 -6.15 10.10
H21 EDO E . 10.40 -4.31 6.93
H22 EDO E . 9.00 -5.31 6.47
HO2 EDO E . 8.40 -3.09 6.89
#